data_3HQ5
#
_entry.id   3HQ5
#
_cell.length_a   57.701
_cell.length_b   64.441
_cell.length_c   70.380
_cell.angle_alpha   90.000
_cell.angle_beta   96.510
_cell.angle_gamma   90.000
#
_symmetry.space_group_name_H-M   'P 1 21 1'
#
loop_
_entity.id
_entity.type
_entity.pdbx_description
1 polymer 'Progesterone receptor'
2 non-polymer 'SULFATE ION'
3 non-polymer 2-chloro-4-{[(3S)-1-methylpyrrolidin-3-yl][2-(trifluoromethyl)benzyl]amino}benzonitrile
4 non-polymer GLYCEROL
5 water water
#
_entity_poly.entity_id   1
_entity_poly.type   'polypeptide(L)'
_entity_poly.pdbx_seq_one_letter_code
;GQDIQLIPPLINLLMSIEPDVIYAGHDNTKPDTSSSLLTSLNQLGERQLLSVVKWSKSLPGFRNLHIDDQITLIQYSWMS
LMVFGLGWRSYKHVSGQMLYFAPDLILNEQRMKESSFYSLCLTMWQIPQEFVKLQVSQEEFLCMKVLLLLNTIPLEGLRS
QTQFEEMRSSYIRELIKAIGLRQKGVVSSSQRFYQLTKLLDNLHDLVKQLHLYCLNTFIQSRALSVEFPEMMSEVIAAQL
PKILAGMVKPLLFHKK
;
_entity_poly.pdbx_strand_id   A,B
#
# COMPACT_ATOMS: atom_id res chain seq x y z
N GLN A 5 -11.60 -11.47 -46.50
CA GLN A 5 -11.31 -11.68 -45.04
C GLN A 5 -12.56 -11.39 -44.21
N LEU A 6 -12.86 -12.27 -43.26
CA LEU A 6 -14.03 -12.08 -42.38
C LEU A 6 -13.63 -11.76 -40.94
N ILE A 7 -12.35 -11.99 -40.58
CA ILE A 7 -11.80 -11.50 -39.33
C ILE A 7 -11.31 -10.07 -39.54
N PRO A 8 -11.71 -9.13 -38.66
CA PRO A 8 -11.32 -7.73 -38.81
C PRO A 8 -9.80 -7.55 -38.80
N PRO A 9 -9.28 -6.67 -39.67
CA PRO A 9 -7.84 -6.49 -39.83
C PRO A 9 -7.07 -6.13 -38.55
N LEU A 10 -7.70 -5.39 -37.63
CA LEU A 10 -7.05 -5.04 -36.36
C LEU A 10 -6.83 -6.27 -35.49
N ILE A 11 -7.85 -7.11 -35.37
CA ILE A 11 -7.73 -8.37 -34.63
C ILE A 11 -6.67 -9.23 -35.28
N ASN A 12 -6.64 -9.25 -36.61
CA ASN A 12 -5.58 -9.93 -37.36
C ASN A 12 -4.20 -9.40 -37.07
N LEU A 13 -4.08 -8.08 -37.03
CA LEU A 13 -2.82 -7.43 -36.68
C LEU A 13 -2.40 -7.86 -35.26
N LEU A 14 -3.32 -7.76 -34.31
CA LEU A 14 -3.05 -8.18 -32.93
C LEU A 14 -2.57 -9.63 -32.84
N MET A 15 -3.16 -10.53 -33.63
CA MET A 15 -2.73 -11.93 -33.69
C MET A 15 -1.27 -12.04 -34.13
N SER A 16 -0.89 -11.26 -35.14
CA SER A 16 0.46 -11.30 -35.71
C SER A 16 1.53 -10.73 -34.78
N ILE A 17 1.17 -9.81 -33.89
CA ILE A 17 2.14 -9.22 -32.98
C ILE A 17 2.20 -9.92 -31.61
N GLU A 18 1.47 -11.03 -31.46
CA GLU A 18 1.52 -11.80 -30.22
C GLU A 18 2.90 -12.39 -29.96
N PRO A 19 3.39 -12.29 -28.72
CA PRO A 19 4.67 -12.89 -28.29
C PRO A 19 4.87 -14.35 -28.65
N ASP A 20 6.12 -14.73 -28.94
CA ASP A 20 6.50 -16.13 -29.03
C ASP A 20 6.44 -16.75 -27.63
N VAL A 21 6.64 -18.06 -27.57
CA VAL A 21 6.66 -18.79 -26.29
C VAL A 21 7.75 -18.22 -25.38
N ILE A 22 7.41 -18.04 -24.11
CA ILE A 22 8.36 -17.54 -23.12
C ILE A 22 8.60 -18.58 -22.03
N TYR A 23 9.86 -18.97 -21.89
CA TYR A 23 10.27 -19.93 -20.88
C TYR A 23 10.69 -19.20 -19.60
N ALA A 24 10.47 -19.83 -18.46
CA ALA A 24 10.88 -19.28 -17.17
C ALA A 24 12.38 -19.51 -16.93
N GLY A 25 12.94 -20.56 -17.52
CA GLY A 25 14.32 -20.97 -17.28
C GLY A 25 14.49 -21.93 -16.11
N HIS A 26 13.38 -22.53 -15.65
CA HIS A 26 13.36 -23.36 -14.45
C HIS A 26 14.08 -24.69 -14.66
N ASP A 27 14.63 -25.27 -13.59
CA ASP A 27 15.18 -26.63 -13.63
C ASP A 27 14.04 -27.65 -13.70
N ASN A 28 13.41 -27.75 -14.88
CA ASN A 28 12.15 -28.49 -15.08
C ASN A 28 11.00 -27.94 -14.25
N ASP A 32 12.89 -27.95 -5.91
CA ASP A 32 11.43 -27.78 -5.91
C ASP A 32 10.94 -27.07 -4.65
N THR A 33 11.61 -25.98 -4.28
CA THR A 33 11.22 -25.17 -3.12
C THR A 33 10.61 -23.85 -3.59
N SER A 34 10.00 -23.13 -2.66
CA SER A 34 9.34 -21.87 -2.98
C SER A 34 10.30 -20.70 -3.24
N SER A 35 11.59 -20.88 -2.94
CA SER A 35 12.61 -19.87 -3.25
C SER A 35 13.07 -20.02 -4.70
N SER A 36 13.27 -21.27 -5.13
CA SER A 36 13.64 -21.56 -6.51
C SER A 36 12.47 -21.28 -7.45
N LEU A 37 11.25 -21.50 -6.95
CA LEU A 37 10.00 -21.25 -7.68
C LEU A 37 9.81 -19.75 -7.89
N LEU A 38 9.92 -18.98 -6.80
CA LEU A 38 9.79 -17.52 -6.86
C LEU A 38 10.86 -16.90 -7.74
N THR A 39 12.10 -17.35 -7.58
CA THR A 39 13.22 -16.95 -8.42
C THR A 39 12.94 -17.22 -9.91
N SER A 40 12.37 -18.38 -10.21
CA SER A 40 11.99 -18.75 -11.57
C SER A 40 10.80 -17.95 -12.07
N LEU A 41 9.87 -17.64 -11.17
CA LEU A 41 8.73 -16.79 -11.49
C LEU A 41 9.19 -15.35 -11.73
N ASN A 42 10.24 -14.94 -11.02
CA ASN A 42 10.82 -13.60 -11.19
C ASN A 42 11.57 -13.46 -12.52
N GLN A 43 12.30 -14.49 -12.91
CA GLN A 43 12.94 -14.56 -14.22
C GLN A 43 11.89 -14.51 -15.33
N LEU A 44 10.82 -15.29 -15.18
CA LEU A 44 9.67 -15.25 -16.10
C LEU A 44 9.07 -13.83 -16.16
N GLY A 45 8.86 -13.23 -14.99
CA GLY A 45 8.43 -11.84 -14.91
C GLY A 45 9.27 -10.84 -15.71
N GLU A 46 10.59 -10.99 -15.64
CA GLU A 46 11.54 -10.16 -16.39
C GLU A 46 11.36 -10.31 -17.91
N ARG A 47 11.18 -11.56 -18.33
CA ARG A 47 11.02 -11.92 -19.74
C ARG A 47 9.66 -11.49 -20.28
N GLN A 48 8.65 -11.58 -19.41
CA GLN A 48 7.31 -11.12 -19.74
C GLN A 48 7.28 -9.60 -19.91
N LEU A 49 7.95 -8.87 -19.02
CA LEU A 49 8.03 -7.40 -19.11
C LEU A 49 8.72 -6.94 -20.40
N LEU A 50 9.85 -7.58 -20.72
CA LEU A 50 10.55 -7.32 -21.98
C LEU A 50 9.62 -7.55 -23.18
N SER A 51 8.84 -8.62 -23.10
CA SER A 51 7.93 -9.02 -24.17
C SER A 51 6.79 -8.01 -24.35
N VAL A 52 6.18 -7.58 -23.24
CA VAL A 52 5.12 -6.57 -23.30
C VAL A 52 5.62 -5.24 -23.90
N VAL A 53 6.83 -4.83 -23.53
CA VAL A 53 7.40 -3.58 -24.04
C VAL A 53 7.64 -3.65 -25.55
N LYS A 54 8.16 -4.79 -26.02
CA LYS A 54 8.40 -5.00 -27.44
C LYS A 54 7.07 -5.07 -28.20
N TRP A 55 6.12 -5.79 -27.62
CA TRP A 55 4.76 -5.87 -28.14
C TRP A 55 4.09 -4.50 -28.33
N SER A 56 4.28 -3.61 -27.35
CA SER A 56 3.65 -2.30 -27.36
C SER A 56 4.17 -1.39 -28.49
N LYS A 57 5.40 -1.65 -28.95
CA LYS A 57 6.02 -0.92 -30.06
C LYS A 57 5.31 -1.17 -31.39
N SER A 58 4.57 -2.28 -31.48
CA SER A 58 3.80 -2.64 -32.67
C SER A 58 2.28 -2.52 -32.50
N LEU A 59 1.82 -2.22 -31.28
CA LEU A 59 0.39 -2.13 -30.98
C LEU A 59 -0.15 -0.81 -31.53
N PRO A 60 -1.10 -0.87 -32.50
CA PRO A 60 -1.56 0.36 -33.14
C PRO A 60 -2.10 1.41 -32.18
N GLY A 61 -1.63 2.65 -32.34
CA GLY A 61 -2.02 3.75 -31.50
C GLY A 61 -1.10 4.03 -30.31
N PHE A 62 -0.39 3.01 -29.82
CA PHE A 62 0.31 3.09 -28.52
C PHE A 62 1.58 3.92 -28.59
N ARG A 63 2.35 3.79 -29.67
CA ARG A 63 3.57 4.56 -29.89
C ARG A 63 3.32 6.06 -30.11
N ASN A 64 2.06 6.42 -30.32
CA ASN A 64 1.68 7.81 -30.57
C ASN A 64 1.35 8.56 -29.30
N LEU A 65 1.14 7.81 -28.21
CA LEU A 65 1.03 8.41 -26.88
C LEU A 65 2.38 8.97 -26.44
N HIS A 66 2.33 9.99 -25.59
CA HIS A 66 3.53 10.55 -24.95
C HIS A 66 4.36 9.43 -24.35
N ILE A 67 5.69 9.51 -24.51
CA ILE A 67 6.61 8.49 -24.01
C ILE A 67 6.41 8.16 -22.50
N ASP A 68 6.26 9.18 -21.66
CA ASP A 68 5.97 8.96 -20.23
C ASP A 68 4.65 8.23 -19.99
N ASP A 69 3.66 8.43 -20.87
CA ASP A 69 2.38 7.73 -20.75
C ASP A 69 2.57 6.25 -21.08
N GLN A 70 3.35 5.98 -22.12
CA GLN A 70 3.69 4.61 -22.51
C GLN A 70 4.35 3.84 -21.37
N ILE A 71 5.39 4.43 -20.80
CA ILE A 71 6.15 3.83 -19.69
C ILE A 71 5.26 3.58 -18.49
N THR A 72 4.47 4.60 -18.14
CA THR A 72 3.51 4.51 -17.03
C THR A 72 2.48 3.41 -17.20
N LEU A 73 1.91 3.31 -18.41
CA LEU A 73 0.85 2.34 -18.68
C LEU A 73 1.38 0.90 -18.65
N ILE A 74 2.61 0.72 -19.14
CA ILE A 74 3.30 -0.58 -19.10
C ILE A 74 3.63 -1.00 -17.66
N GLN A 75 4.09 -0.04 -16.87
CA GLN A 75 4.38 -0.26 -15.46
C GLN A 75 3.13 -0.57 -14.64
N TYR A 76 2.07 0.22 -14.83
CA TYR A 76 0.79 0.00 -14.16
C TYR A 76 0.22 -1.39 -14.45
N SER A 77 0.28 -1.82 -15.70
CA SER A 77 -0.38 -3.05 -16.15
C SER A 77 0.52 -4.31 -16.21
N TRP A 78 1.75 -4.20 -15.72
CA TRP A 78 2.70 -5.31 -15.78
C TRP A 78 2.11 -6.60 -15.17
N MET A 79 1.70 -6.53 -13.92
CA MET A 79 1.15 -7.69 -13.22
C MET A 79 -0.19 -8.14 -13.82
N SER A 80 -1.03 -7.18 -14.19
CA SER A 80 -2.34 -7.47 -14.79
C SER A 80 -2.22 -8.26 -16.09
N LEU A 81 -1.32 -7.83 -16.98
CA LEU A 81 -1.10 -8.53 -18.24
C LEU A 81 -0.47 -9.91 -18.04
N MET A 82 0.42 -10.05 -17.05
CA MET A 82 1.03 -11.35 -16.76
C MET A 82 0.00 -12.37 -16.33
N VAL A 83 -0.89 -11.97 -15.41
CA VAL A 83 -1.91 -12.85 -14.84
C VAL A 83 -2.98 -13.17 -15.89
N PHE A 84 -3.29 -12.18 -16.71
CA PHE A 84 -4.24 -12.33 -17.81
C PHE A 84 -3.70 -13.28 -18.89
N GLY A 85 -2.41 -13.18 -19.19
CA GLY A 85 -1.73 -14.13 -20.08
C GLY A 85 -1.65 -15.53 -19.47
N LEU A 86 -1.41 -15.60 -18.16
CA LEU A 86 -1.44 -16.87 -17.45
C LEU A 86 -2.81 -17.56 -17.58
N GLY A 87 -3.87 -16.77 -17.45
CA GLY A 87 -5.24 -17.28 -17.62
C GLY A 87 -5.47 -17.88 -18.99
N TRP A 88 -5.02 -17.17 -20.02
CA TRP A 88 -5.12 -17.64 -21.39
C TRP A 88 -4.36 -18.96 -21.62
N ARG A 89 -3.07 -18.98 -21.32
CA ARG A 89 -2.28 -20.19 -21.50
C ARG A 89 -2.83 -21.40 -20.74
N SER A 90 -3.24 -21.19 -19.49
CA SER A 90 -3.79 -22.24 -18.65
C SER A 90 -5.07 -22.83 -19.26
N TYR A 91 -5.93 -21.93 -19.69
CA TYR A 91 -7.12 -22.22 -20.49
C TYR A 91 -6.81 -22.98 -21.78
N LYS A 92 -5.88 -22.46 -22.59
CA LYS A 92 -5.54 -23.06 -23.89
C LYS A 92 -4.82 -24.40 -23.83
N HIS A 93 -3.88 -24.55 -22.91
CA HIS A 93 -2.98 -25.72 -22.90
C HIS A 93 -3.34 -26.82 -21.90
N VAL A 94 -4.05 -26.46 -20.83
CA VAL A 94 -4.37 -27.41 -19.75
C VAL A 94 -5.83 -27.31 -19.25
N SER A 95 -6.69 -26.70 -20.07
CA SER A 95 -8.13 -26.61 -19.79
C SER A 95 -8.47 -25.93 -18.46
N GLY A 96 -7.62 -25.00 -18.04
CA GLY A 96 -7.81 -24.28 -16.79
C GLY A 96 -7.47 -25.07 -15.53
N GLN A 97 -6.99 -26.30 -15.68
CA GLN A 97 -6.84 -27.20 -14.54
C GLN A 97 -5.40 -27.29 -14.02
N MET A 98 -4.53 -26.44 -14.55
CA MET A 98 -3.19 -26.21 -14.00
C MET A 98 -2.84 -24.75 -14.29
N LEU A 99 -1.85 -24.22 -13.57
CA LEU A 99 -1.35 -22.87 -13.83
C LEU A 99 -0.17 -22.95 -14.79
N TYR A 100 -0.43 -22.61 -16.05
CA TYR A 100 0.57 -22.68 -17.11
C TYR A 100 1.37 -21.36 -17.19
N PHE A 101 2.27 -21.17 -16.24
CA PHE A 101 3.12 -19.97 -16.23
C PHE A 101 4.02 -19.93 -17.47
N ALA A 102 4.61 -21.08 -17.80
CA ALA A 102 5.46 -21.24 -18.98
C ALA A 102 5.52 -22.72 -19.28
N PRO A 103 5.96 -23.11 -20.50
CA PRO A 103 6.06 -24.54 -20.80
C PRO A 103 6.96 -25.31 -19.84
N ASP A 104 7.96 -24.63 -19.26
CA ASP A 104 8.85 -25.22 -18.25
C ASP A 104 8.48 -24.91 -16.77
N LEU A 105 7.28 -24.38 -16.56
CA LEU A 105 6.79 -24.05 -15.22
C LEU A 105 5.26 -24.13 -15.19
N ILE A 106 4.76 -25.35 -15.00
CA ILE A 106 3.33 -25.63 -14.92
C ILE A 106 3.02 -26.17 -13.51
N LEU A 107 2.18 -25.45 -12.76
CA LEU A 107 1.86 -25.86 -11.37
C LEU A 107 0.47 -26.50 -11.28
N ASN A 108 0.45 -27.76 -10.86
CA ASN A 108 -0.78 -28.57 -10.72
C ASN A 108 -1.13 -28.77 -9.24
N GLU A 109 -1.80 -29.88 -8.90
CA GLU A 109 -2.13 -30.24 -7.50
C GLU A 109 -0.96 -29.90 -6.56
N GLN A 110 -1.12 -28.80 -5.84
CA GLN A 110 -0.04 -27.82 -5.63
C GLN A 110 1.41 -28.32 -5.47
N ARG A 111 2.30 -27.59 -6.13
CA ARG A 111 3.72 -27.86 -6.15
C ARG A 111 4.37 -27.06 -5.02
N LYS A 113 1.48 -27.11 -2.20
CA LYS A 113 1.91 -27.06 -0.80
C LYS A 113 1.15 -25.99 -0.03
N GLU A 114 1.50 -25.81 1.24
CA GLU A 114 0.73 -24.96 2.15
C GLU A 114 1.54 -23.73 2.57
N SER A 115 1.14 -22.57 2.05
CA SER A 115 1.68 -21.29 2.50
C SER A 115 0.87 -20.14 1.90
N SER A 116 1.31 -18.91 2.17
CA SER A 116 0.72 -17.72 1.56
C SER A 116 0.85 -17.77 0.03
N PHE A 117 2.00 -18.26 -0.45
CA PHE A 117 2.31 -18.38 -1.88
C PHE A 117 1.21 -19.12 -2.64
N TYR A 118 0.83 -20.27 -2.11
CA TYR A 118 -0.13 -21.13 -2.79
C TYR A 118 -1.56 -20.58 -2.69
N SER A 119 -1.83 -19.73 -1.69
CA SER A 119 -3.12 -19.02 -1.61
C SER A 119 -3.29 -18.03 -2.75
N LEU A 120 -2.21 -17.31 -3.09
CA LEU A 120 -2.23 -16.37 -4.20
C LEU A 120 -2.38 -17.07 -5.54
N CYS A 121 -1.84 -18.29 -5.65
CA CYS A 121 -2.04 -19.12 -6.85
C CYS A 121 -3.52 -19.45 -7.09
N LEU A 122 -4.27 -19.67 -6.02
CA LEU A 122 -5.73 -19.94 -6.10
C LEU A 122 -6.53 -18.72 -6.52
N THR A 123 -6.03 -17.54 -6.18
CA THR A 123 -6.61 -16.28 -6.62
C THR A 123 -6.33 -16.07 -8.11
N MET A 124 -5.08 -16.29 -8.51
CA MET A 124 -4.71 -16.27 -9.93
C MET A 124 -5.51 -17.31 -10.72
N TRP A 125 -5.85 -18.43 -10.06
CA TRP A 125 -6.58 -19.54 -10.70
C TRP A 125 -8.00 -19.16 -11.12
N GLN A 126 -8.55 -18.10 -10.56
CA GLN A 126 -9.89 -17.62 -10.89
C GLN A 126 -10.05 -17.21 -12.37
N ILE A 127 -9.00 -16.65 -12.95
CA ILE A 127 -9.05 -16.12 -14.32
C ILE A 127 -9.14 -17.22 -15.40
N PRO A 128 -8.27 -18.26 -15.35
CA PRO A 128 -8.42 -19.43 -16.23
C PRO A 128 -9.77 -20.14 -16.11
N GLN A 129 -10.27 -20.25 -14.88
N GLN A 129 -10.30 -20.24 -14.90
CA GLN A 129 -11.60 -20.81 -14.62
CA GLN A 129 -11.60 -20.85 -14.68
C GLN A 129 -12.68 -19.99 -15.28
C GLN A 129 -12.71 -19.98 -15.29
N GLU A 130 -12.55 -18.66 -15.20
CA GLU A 130 -13.46 -17.72 -15.87
C GLU A 130 -13.39 -17.77 -17.40
N PHE A 131 -12.19 -18.01 -17.95
CA PHE A 131 -12.03 -18.18 -19.41
C PHE A 131 -12.70 -19.48 -19.89
N VAL A 132 -12.51 -20.55 -19.13
CA VAL A 132 -13.19 -21.84 -19.39
C VAL A 132 -14.72 -21.70 -19.28
N LYS A 133 -15.20 -21.03 -18.24
CA LYS A 133 -16.63 -20.80 -18.03
C LYS A 133 -17.26 -19.97 -19.15
N LEU A 134 -16.63 -18.86 -19.49
CA LEU A 134 -17.15 -17.95 -20.50
C LEU A 134 -16.81 -18.41 -21.92
N GLN A 135 -15.80 -19.28 -22.05
CA GLN A 135 -15.31 -19.73 -23.36
C GLN A 135 -14.81 -18.56 -24.20
N VAL A 136 -13.85 -17.81 -23.66
CA VAL A 136 -13.32 -16.62 -24.32
C VAL A 136 -12.60 -17.02 -25.62
N SER A 137 -12.91 -16.34 -26.72
CA SER A 137 -12.22 -16.60 -28.00
C SER A 137 -10.88 -15.89 -28.00
N GLN A 138 -9.99 -16.28 -28.91
CA GLN A 138 -8.73 -15.55 -29.04
C GLN A 138 -8.97 -14.11 -29.50
N GLU A 139 -9.97 -13.90 -30.33
CA GLU A 139 -10.32 -12.57 -30.84
C GLU A 139 -10.76 -11.63 -29.71
N GLU A 140 -11.57 -12.17 -28.79
CA GLU A 140 -11.99 -11.43 -27.59
C GLU A 140 -10.84 -11.12 -26.64
N PHE A 141 -10.04 -12.14 -26.36
CA PHE A 141 -8.87 -12.05 -25.49
C PHE A 141 -7.89 -10.95 -25.91
N LEU A 142 -7.59 -10.90 -27.20
CA LEU A 142 -6.62 -9.95 -27.75
C LEU A 142 -7.05 -8.49 -27.56
N CYS A 143 -8.35 -8.22 -27.78
CA CYS A 143 -8.93 -6.89 -27.55
C CYS A 143 -9.05 -6.56 -26.07
N MET A 144 -9.41 -7.55 -25.26
CA MET A 144 -9.45 -7.38 -23.80
C MET A 144 -8.07 -7.10 -23.20
N LYS A 145 -7.03 -7.66 -23.80
CA LYS A 145 -5.65 -7.45 -23.36
C LYS A 145 -5.13 -6.03 -23.55
N VAL A 146 -5.49 -5.41 -24.67
CA VAL A 146 -5.15 -4.01 -24.92
C VAL A 146 -5.92 -3.11 -23.95
N LEU A 147 -7.19 -3.42 -23.70
CA LEU A 147 -7.97 -2.68 -22.71
C LEU A 147 -7.40 -2.79 -21.28
N LEU A 148 -6.81 -3.95 -20.94
CA LEU A 148 -6.07 -4.15 -19.69
C LEU A 148 -4.84 -3.26 -19.57
N LEU A 149 -4.08 -3.16 -20.65
CA LEU A 149 -2.94 -2.25 -20.73
C LEU A 149 -3.40 -0.81 -20.49
N LEU A 150 -4.60 -0.49 -20.97
CA LEU A 150 -5.18 0.85 -20.85
C LEU A 150 -6.18 1.01 -19.69
N ASN A 151 -6.08 0.18 -18.65
CA ASN A 151 -7.15 0.10 -17.65
C ASN A 151 -6.94 0.92 -16.38
N THR A 152 -5.82 1.65 -16.30
CA THR A 152 -5.50 2.50 -15.16
C THR A 152 -4.67 3.70 -15.63
N ILE A 153 -4.98 4.87 -15.08
CA ILE A 153 -4.27 6.10 -15.41
C ILE A 153 -3.87 6.80 -14.11
N PRO A 154 -2.93 7.75 -14.18
CA PRO A 154 -2.62 8.57 -13.01
C PRO A 154 -3.81 9.42 -12.55
N LEU A 155 -3.79 9.82 -11.28
CA LEU A 155 -4.84 10.68 -10.72
C LEU A 155 -5.00 11.98 -11.50
N GLU A 156 -3.88 12.59 -11.88
CA GLU A 156 -3.89 13.78 -12.72
C GLU A 156 -4.12 13.49 -14.20
N GLY A 157 -4.34 12.22 -14.55
CA GLY A 157 -4.52 11.80 -15.94
C GLY A 157 -3.21 11.74 -16.69
N LEU A 158 -3.30 11.40 -17.97
CA LEU A 158 -2.14 11.25 -18.84
C LEU A 158 -1.82 12.57 -19.56
N ARG A 159 -0.58 12.71 -20.04
CA ARG A 159 -0.20 13.85 -20.88
C ARG A 159 -0.98 13.81 -22.19
N SER A 160 -1.09 12.63 -22.79
CA SER A 160 -1.82 12.45 -24.04
C SER A 160 -3.19 11.85 -23.76
N GLN A 161 -3.97 12.51 -22.90
CA GLN A 161 -5.29 12.03 -22.50
C GLN A 161 -6.26 11.88 -23.67
N THR A 162 -6.22 12.82 -24.62
CA THR A 162 -7.11 12.76 -25.79
C THR A 162 -6.80 11.54 -26.67
N GLN A 163 -5.54 11.37 -27.07
CA GLN A 163 -5.11 10.19 -27.84
C GLN A 163 -5.44 8.87 -27.11
N PHE A 164 -5.22 8.86 -25.80
CA PHE A 164 -5.49 7.69 -24.97
C PHE A 164 -6.97 7.31 -24.99
N GLU A 165 -7.83 8.33 -24.96
CA GLU A 165 -9.28 8.17 -24.95
C GLU A 165 -9.77 7.58 -26.28
N GLU A 166 -9.19 8.08 -27.37
CA GLU A 166 -9.51 7.60 -28.71
C GLU A 166 -9.06 6.15 -28.89
N MET A 167 -7.86 5.83 -28.39
CA MET A 167 -7.33 4.47 -28.47
C MET A 167 -8.20 3.49 -27.68
N ARG A 168 -8.56 3.85 -26.44
CA ARG A 168 -9.49 3.03 -25.66
C ARG A 168 -10.83 2.78 -26.36
N SER A 169 -11.43 3.83 -26.91
CA SER A 169 -12.70 3.71 -27.65
C SER A 169 -12.58 2.81 -28.88
N SER A 170 -11.45 2.88 -29.58
CA SER A 170 -11.22 2.07 -30.76
C SER A 170 -11.17 0.58 -30.41
N TYR A 171 -10.53 0.26 -29.30
CA TYR A 171 -10.40 -1.14 -28.90
C TYR A 171 -11.65 -1.66 -28.19
N ILE A 172 -12.42 -0.77 -27.56
CA ILE A 172 -13.75 -1.14 -27.08
C ILE A 172 -14.61 -1.50 -28.30
N ARG A 173 -14.52 -0.72 -29.37
CA ARG A 173 -15.24 -1.01 -30.60
C ARG A 173 -14.80 -2.34 -31.20
N GLU A 174 -13.50 -2.62 -31.09
CA GLU A 174 -12.94 -3.86 -31.65
C GLU A 174 -13.32 -5.11 -30.84
N LEU A 175 -13.49 -4.96 -29.52
CA LEU A 175 -14.00 -6.05 -28.67
C LEU A 175 -15.43 -6.41 -29.08
N ILE A 176 -16.25 -5.39 -29.34
CA ILE A 176 -17.63 -5.58 -29.81
C ILE A 176 -17.65 -6.30 -31.17
N LYS A 177 -16.75 -5.93 -32.08
CA LYS A 177 -16.59 -6.70 -33.32
C LYS A 177 -16.19 -8.15 -33.01
N ALA A 178 -15.26 -8.33 -32.07
CA ALA A 178 -14.81 -9.66 -31.64
C ALA A 178 -15.99 -10.50 -31.13
N ILE A 179 -16.81 -9.89 -30.28
CA ILE A 179 -18.03 -10.51 -29.78
C ILE A 179 -19.02 -10.82 -30.92
N GLY A 180 -19.07 -9.96 -31.94
CA GLY A 180 -19.96 -10.13 -33.08
C GLY A 180 -19.62 -11.31 -34.00
N LEU A 181 -18.38 -11.80 -33.90
CA LEU A 181 -17.93 -12.94 -34.73
C LEU A 181 -18.66 -14.25 -34.42
N ARG A 182 -19.20 -14.37 -33.22
CA ARG A 182 -19.85 -15.59 -32.77
C ARG A 182 -21.33 -15.38 -32.50
N LYS A 184 -23.70 -13.17 -32.07
CA LYS A 184 -24.94 -13.24 -32.84
C LYS A 184 -26.14 -12.89 -31.92
N GLY A 185 -26.80 -11.77 -32.21
CA GLY A 185 -27.98 -11.34 -31.47
C GLY A 185 -27.72 -10.12 -30.59
N VAL A 186 -28.58 -9.12 -30.69
CA VAL A 186 -28.44 -7.86 -29.95
C VAL A 186 -28.44 -7.99 -28.42
N VAL A 187 -29.17 -8.98 -27.89
CA VAL A 187 -29.30 -9.17 -26.45
C VAL A 187 -28.18 -10.06 -25.89
N SER A 188 -27.85 -11.12 -26.62
CA SER A 188 -26.79 -12.05 -26.23
C SER A 188 -25.39 -11.41 -26.35
N SER A 189 -25.15 -10.69 -27.45
CA SER A 189 -23.87 -10.00 -27.63
C SER A 189 -23.67 -8.85 -26.63
N SER A 190 -24.79 -8.28 -26.19
CA SER A 190 -24.77 -7.22 -25.18
C SER A 190 -24.55 -7.79 -23.79
N GLN A 191 -25.18 -8.93 -23.50
CA GLN A 191 -24.93 -9.67 -22.26
C GLN A 191 -23.46 -10.10 -22.18
N ARG A 192 -22.92 -10.62 -23.29
CA ARG A 192 -21.53 -11.06 -23.34
C ARG A 192 -20.54 -9.91 -23.19
N PHE A 193 -20.87 -8.74 -23.73
CA PHE A 193 -20.08 -7.53 -23.49
C PHE A 193 -20.08 -7.16 -22.01
N TYR A 194 -21.25 -7.25 -21.36
CA TYR A 194 -21.31 -7.02 -19.93
C TYR A 194 -20.38 -7.98 -19.20
N GLN A 195 -20.48 -9.26 -19.54
CA GLN A 195 -19.70 -10.31 -18.88
C GLN A 195 -18.19 -10.16 -19.06
N LEU A 196 -17.78 -9.75 -20.25
CA LEU A 196 -16.35 -9.65 -20.56
C LEU A 196 -15.74 -8.41 -19.92
N THR A 197 -16.45 -7.29 -20.00
CA THR A 197 -15.99 -6.05 -19.39
C THR A 197 -16.08 -6.08 -17.86
N LYS A 198 -17.00 -6.89 -17.32
CA LYS A 198 -17.07 -7.09 -15.87
C LYS A 198 -15.87 -7.89 -15.37
N LEU A 199 -15.39 -8.82 -16.17
CA LEU A 199 -14.20 -9.60 -15.84
C LEU A 199 -12.99 -8.67 -15.70
N LEU A 200 -12.86 -7.73 -16.63
CA LEU A 200 -11.81 -6.72 -16.58
C LEU A 200 -11.91 -5.84 -15.32
N ASP A 201 -13.11 -5.36 -15.00
CA ASP A 201 -13.34 -4.59 -13.76
C ASP A 201 -12.86 -5.35 -12.53
N ASN A 202 -13.32 -6.60 -12.41
CA ASN A 202 -12.99 -7.45 -11.27
C ASN A 202 -11.49 -7.75 -11.12
N LEU A 203 -10.73 -7.57 -12.20
CA LEU A 203 -9.28 -7.83 -12.15
C LEU A 203 -8.54 -6.84 -11.27
N HIS A 204 -9.03 -5.60 -11.18
CA HIS A 204 -8.44 -4.58 -10.30
C HIS A 204 -8.33 -5.09 -8.86
N ASP A 205 -9.41 -5.66 -8.34
CA ASP A 205 -9.43 -6.20 -6.98
C ASP A 205 -8.51 -7.40 -6.80
N LEU A 206 -8.44 -8.27 -7.82
CA LEU A 206 -7.55 -9.43 -7.82
C LEU A 206 -6.08 -9.01 -7.86
N VAL A 207 -5.77 -8.10 -8.78
CA VAL A 207 -4.40 -7.62 -8.98
C VAL A 207 -3.85 -6.86 -7.75
N LYS A 208 -4.74 -6.24 -6.99
CA LYS A 208 -4.34 -5.57 -5.75
C LYS A 208 -3.71 -6.54 -4.74
N GLN A 209 -4.31 -7.73 -4.62
CA GLN A 209 -3.76 -8.81 -3.80
C GLN A 209 -2.40 -9.30 -4.31
N LEU A 210 -2.26 -9.34 -5.62
CA LEU A 210 -1.02 -9.79 -6.26
C LEU A 210 0.09 -8.76 -6.09
N HIS A 211 -0.24 -7.48 -6.27
CA HIS A 211 0.70 -6.39 -6.01
C HIS A 211 1.20 -6.38 -4.56
N LEU A 212 0.29 -6.53 -3.61
CA LEU A 212 0.67 -6.56 -2.18
C LEU A 212 1.67 -7.69 -1.88
N TYR A 213 1.33 -8.92 -2.27
CA TYR A 213 2.22 -10.05 -2.06
C TYR A 213 3.57 -9.84 -2.77
N CYS A 214 3.52 -9.31 -3.98
CA CYS A 214 4.72 -9.04 -4.75
C CYS A 214 5.66 -8.05 -4.03
N LEU A 215 5.11 -6.93 -3.56
CA LEU A 215 5.92 -5.92 -2.88
C LEU A 215 6.48 -6.42 -1.54
N ASN A 216 5.65 -7.10 -0.75
CA ASN A 216 6.12 -7.75 0.48
C ASN A 216 7.28 -8.69 0.21
N THR A 217 7.12 -9.57 -0.77
CA THR A 217 8.16 -10.54 -1.16
C THR A 217 9.44 -9.83 -1.60
N PHE A 218 9.29 -8.71 -2.30
CA PHE A 218 10.42 -7.92 -2.77
C PHE A 218 11.22 -7.32 -1.62
N ILE A 219 10.53 -6.71 -0.65
CA ILE A 219 11.22 -6.05 0.44
C ILE A 219 11.87 -7.01 1.45
N GLN A 220 11.48 -8.28 1.45
CA GLN A 220 12.15 -9.32 2.26
C GLN A 220 12.86 -10.37 1.38
N SER A 221 13.29 -9.97 0.18
CA SER A 221 13.92 -10.88 -0.79
C SER A 221 15.24 -11.49 -0.32
N ARG A 222 16.06 -10.73 0.40
CA ARG A 222 17.31 -11.24 0.96
C ARG A 222 17.02 -12.34 1.97
N ALA A 223 16.09 -12.06 2.88
CA ALA A 223 15.66 -13.01 3.91
C ALA A 223 15.00 -14.27 3.35
N LEU A 224 14.36 -14.15 2.18
CA LEU A 224 13.69 -15.28 1.52
C LEU A 224 14.58 -15.97 0.48
N SER A 225 15.76 -15.40 0.21
CA SER A 225 16.70 -15.92 -0.81
C SER A 225 16.05 -16.03 -2.21
N VAL A 226 15.38 -14.95 -2.61
CA VAL A 226 14.69 -14.85 -3.89
C VAL A 226 15.36 -13.76 -4.74
N GLU A 227 15.89 -14.14 -5.91
N GLU A 227 15.87 -14.14 -5.91
CA GLU A 227 16.52 -13.19 -6.82
CA GLU A 227 16.51 -13.21 -6.85
C GLU A 227 15.47 -12.46 -7.66
C GLU A 227 15.45 -12.47 -7.66
N PHE A 228 15.53 -11.13 -7.66
CA PHE A 228 14.63 -10.27 -8.43
C PHE A 228 15.42 -9.56 -9.52
N PRO A 229 15.21 -9.95 -10.81
CA PRO A 229 15.87 -9.26 -11.93
C PRO A 229 15.66 -7.74 -11.97
N GLU A 230 16.57 -7.03 -12.66
CA GLU A 230 16.66 -5.56 -12.59
C GLU A 230 15.48 -4.78 -13.18
N MET A 231 14.98 -5.18 -14.34
CA MET A 231 13.90 -4.40 -14.99
C MET A 231 12.60 -4.45 -14.18
N MET A 232 12.23 -5.65 -13.76
CA MET A 232 11.01 -5.84 -12.97
C MET A 232 11.13 -5.30 -11.53
N SER A 233 12.36 -5.25 -11.00
CA SER A 233 12.62 -4.64 -9.69
C SER A 233 12.29 -3.16 -9.68
N GLU A 234 12.59 -2.48 -10.80
CA GLU A 234 12.33 -1.06 -10.97
C GLU A 234 10.83 -0.75 -11.04
N VAL A 235 10.05 -1.59 -11.70
CA VAL A 235 8.59 -1.39 -11.74
C VAL A 235 8.01 -1.62 -10.33
N ILE A 236 8.51 -2.66 -9.65
CA ILE A 236 8.12 -2.97 -8.27
C ILE A 236 8.56 -1.86 -7.29
N ALA A 237 9.83 -1.50 -7.33
CA ALA A 237 10.34 -0.44 -6.44
C ALA A 237 9.63 0.90 -6.68
N ALA A 238 9.51 1.29 -7.95
CA ALA A 238 9.04 2.64 -8.31
C ALA A 238 7.52 2.85 -8.30
N GLN A 239 6.75 1.81 -8.59
CA GLN A 239 5.31 1.99 -8.84
C GLN A 239 4.38 1.34 -7.83
N LEU A 240 4.71 0.15 -7.37
CA LEU A 240 3.79 -0.64 -6.53
C LEU A 240 3.41 0.04 -5.20
N PRO A 241 4.35 0.71 -4.52
CA PRO A 241 3.95 1.44 -3.33
C PRO A 241 2.84 2.47 -3.58
N LYS A 242 2.99 3.31 -4.61
CA LYS A 242 2.00 4.36 -4.90
C LYS A 242 0.70 3.75 -5.42
N ILE A 243 0.80 2.67 -6.18
CA ILE A 243 -0.39 1.98 -6.69
C ILE A 243 -1.21 1.39 -5.54
N LEU A 244 -0.55 0.63 -4.68
CA LEU A 244 -1.19 0.03 -3.49
C LEU A 244 -1.84 1.10 -2.61
N ALA A 245 -1.18 2.25 -2.49
CA ALA A 245 -1.69 3.39 -1.70
C ALA A 245 -2.92 4.08 -2.30
N GLY A 246 -3.26 3.75 -3.54
CA GLY A 246 -4.41 4.34 -4.20
C GLY A 246 -4.11 5.64 -4.94
N MET A 247 -2.85 5.83 -5.32
CA MET A 247 -2.42 7.08 -5.99
C MET A 247 -2.48 6.94 -7.52
N VAL A 248 -3.42 6.13 -8.00
CA VAL A 248 -3.71 5.96 -9.42
C VAL A 248 -5.24 5.89 -9.56
N LYS A 249 -5.74 6.06 -10.80
CA LYS A 249 -7.16 5.98 -11.08
C LYS A 249 -7.50 4.74 -11.91
N PRO A 250 -8.07 3.69 -11.27
CA PRO A 250 -8.57 2.55 -12.04
C PRO A 250 -9.74 2.94 -12.93
N LEU A 251 -9.77 2.44 -14.16
CA LEU A 251 -10.89 2.67 -15.06
C LEU A 251 -11.86 1.51 -14.98
N LEU A 252 -13.15 1.81 -14.78
CA LEU A 252 -14.19 0.79 -14.72
C LEU A 252 -15.20 0.96 -15.85
N PHE A 253 -15.66 -0.16 -16.40
CA PHE A 253 -16.76 -0.17 -17.37
C PHE A 253 -18.14 -0.03 -16.70
N HIS A 254 -18.27 -0.54 -15.48
CA HIS A 254 -19.55 -0.57 -14.75
C HIS A 254 -19.41 0.17 -13.42
N LYS A 255 -20.34 1.09 -13.16
CA LYS A 255 -20.29 1.94 -11.97
C LYS A 255 -20.54 1.10 -10.72
N GLN B 5 -6.11 15.18 44.49
CA GLN B 5 -6.75 16.35 43.80
C GLN B 5 -7.69 15.91 42.66
N LEU B 6 -7.90 16.79 41.68
CA LEU B 6 -8.94 16.61 40.67
C LEU B 6 -8.64 15.57 39.59
N ILE B 7 -7.36 15.20 39.43
CA ILE B 7 -6.94 14.35 38.31
C ILE B 7 -7.30 12.88 38.53
N PRO B 8 -8.04 12.27 37.60
CA PRO B 8 -8.40 10.87 37.79
C PRO B 8 -7.16 9.96 37.83
N PRO B 9 -7.23 8.86 38.60
CA PRO B 9 -6.11 7.95 38.84
C PRO B 9 -5.41 7.42 37.59
N LEU B 10 -6.19 6.93 36.62
CA LEU B 10 -5.63 6.34 35.40
C LEU B 10 -4.85 7.37 34.58
N ILE B 11 -5.30 8.62 34.60
CA ILE B 11 -4.58 9.70 33.91
C ILE B 11 -3.25 10.01 34.63
N ASN B 12 -3.28 10.03 35.96
CA ASN B 12 -2.05 10.20 36.75
C ASN B 12 -1.07 9.08 36.45
N LEU B 13 -1.58 7.86 36.34
CA LEU B 13 -0.77 6.69 35.97
C LEU B 13 -0.15 6.87 34.58
N LEU B 14 -0.96 7.29 33.61
CA LEU B 14 -0.45 7.53 32.25
C LEU B 14 0.67 8.56 32.25
N MET B 15 0.56 9.60 33.06
CA MET B 15 1.63 10.60 33.16
C MET B 15 2.93 10.00 33.69
N SER B 16 2.81 9.08 34.66
CA SER B 16 3.98 8.48 35.32
C SER B 16 4.80 7.51 34.46
N ILE B 17 4.16 6.89 33.47
CA ILE B 17 4.83 5.89 32.62
C ILE B 17 5.26 6.48 31.27
N GLU B 18 5.17 7.80 31.16
CA GLU B 18 5.58 8.53 29.97
C GLU B 18 7.10 8.42 29.83
N PRO B 19 7.62 8.27 28.59
CA PRO B 19 9.08 8.10 28.40
C PRO B 19 9.97 9.22 28.93
N ASP B 20 11.24 8.89 29.16
CA ASP B 20 12.31 9.89 29.36
C ASP B 20 12.53 10.71 28.09
N VAL B 21 13.40 11.71 28.17
CA VAL B 21 13.84 12.47 27.00
C VAL B 21 14.59 11.52 26.06
N ILE B 22 14.39 11.69 24.76
CA ILE B 22 15.10 10.88 23.77
C ILE B 22 15.80 11.77 22.75
N TYR B 23 17.09 11.51 22.58
CA TYR B 23 17.95 12.21 21.63
C TYR B 23 18.04 11.42 20.33
N ALA B 24 18.25 12.13 19.22
CA ALA B 24 18.48 11.51 17.92
C ALA B 24 19.95 11.13 17.74
N GLY B 25 20.83 11.79 18.51
CA GLY B 25 22.26 11.61 18.37
C GLY B 25 22.78 12.27 17.10
N HIS B 26 22.14 13.37 16.72
CA HIS B 26 22.52 14.08 15.49
C HIS B 26 23.66 15.07 15.71
N ASP B 27 24.59 15.12 14.76
CA ASP B 27 25.70 16.08 14.80
C ASP B 27 25.30 17.41 14.15
N ASN B 28 24.93 18.38 14.98
CA ASN B 28 24.45 19.68 14.51
C ASN B 28 25.59 20.62 14.10
N THR B 29 26.83 20.20 14.34
CA THR B 29 27.99 21.02 14.01
C THR B 29 28.35 21.05 12.53
N LYS B 30 27.70 20.20 11.72
CA LYS B 30 27.95 20.21 10.28
C LYS B 30 26.62 20.31 9.52
N PRO B 31 26.66 20.85 8.28
CA PRO B 31 25.45 21.16 7.51
C PRO B 31 24.53 19.97 7.25
N ASP B 32 23.22 20.23 7.23
CA ASP B 32 22.22 19.20 6.92
C ASP B 32 22.45 18.68 5.52
N THR B 33 22.45 17.36 5.39
CA THR B 33 22.22 16.72 4.10
C THR B 33 20.95 15.90 4.26
N SER B 34 20.37 15.41 3.17
CA SER B 34 19.15 14.63 3.28
C SER B 34 19.45 13.26 3.88
N SER B 35 20.64 12.72 3.62
CA SER B 35 21.02 11.41 4.17
C SER B 35 21.34 11.47 5.67
N SER B 36 21.98 12.54 6.13
CA SER B 36 22.30 12.67 7.55
C SER B 36 21.07 12.99 8.39
N LEU B 37 20.18 13.83 7.84
CA LEU B 37 18.89 14.12 8.46
C LEU B 37 17.99 12.90 8.58
N LEU B 38 17.84 12.14 7.50
CA LEU B 38 16.94 10.98 7.52
C LEU B 38 17.53 9.84 8.34
N THR B 39 18.85 9.73 8.35
CA THR B 39 19.56 8.74 9.17
C THR B 39 19.45 9.01 10.67
N SER B 40 19.50 10.28 11.07
CA SER B 40 19.29 10.67 12.47
C SER B 40 17.84 10.46 12.88
N LEU B 41 16.92 10.78 11.97
CA LEU B 41 15.49 10.51 12.19
C LEU B 41 15.21 9.01 12.38
N ASN B 42 15.85 8.17 11.57
CA ASN B 42 15.75 6.72 11.74
C ASN B 42 16.35 6.22 13.06
N GLN B 43 17.43 6.85 13.50
CA GLN B 43 18.03 6.52 14.80
C GLN B 43 17.11 6.93 15.97
N LEU B 44 16.55 8.13 15.86
CA LEU B 44 15.50 8.59 16.78
C LEU B 44 14.28 7.67 16.75
N GLY B 45 13.85 7.31 15.55
CA GLY B 45 12.69 6.44 15.36
C GLY B 45 12.86 5.08 16.00
N GLU B 46 14.05 4.50 15.85
CA GLU B 46 14.41 3.26 16.53
C GLU B 46 14.31 3.40 18.06
N ARG B 47 14.87 4.48 18.60
CA ARG B 47 14.87 4.72 20.05
C ARG B 47 13.46 4.98 20.60
N GLN B 48 12.64 5.67 19.83
CA GLN B 48 11.24 5.89 20.20
C GLN B 48 10.43 4.59 20.19
N LEU B 49 10.66 3.74 19.20
CA LEU B 49 10.00 2.44 19.08
C LEU B 49 10.27 1.59 20.33
N LEU B 50 11.55 1.50 20.71
CA LEU B 50 11.96 0.82 21.93
C LEU B 50 11.21 1.34 23.17
N SER B 51 11.03 2.66 23.25
CA SER B 51 10.31 3.31 24.35
C SER B 51 8.80 3.08 24.32
N VAL B 52 8.25 2.95 23.11
CA VAL B 52 6.84 2.57 22.96
C VAL B 52 6.62 1.13 23.44
N VAL B 53 7.58 0.25 23.19
CA VAL B 53 7.50 -1.13 23.68
C VAL B 53 7.55 -1.15 25.22
N LYS B 54 8.51 -0.43 25.79
CA LYS B 54 8.62 -0.30 27.24
C LYS B 54 7.37 0.32 27.86
N TRP B 55 6.89 1.41 27.26
CA TRP B 55 5.67 2.11 27.71
C TRP B 55 4.42 1.23 27.66
N SER B 56 4.30 0.47 26.57
CA SER B 56 3.18 -0.46 26.39
C SER B 56 3.14 -1.57 27.46
N LYS B 57 4.31 -2.00 27.95
CA LYS B 57 4.37 -2.99 29.03
C LYS B 57 3.80 -2.46 30.34
N SER B 58 3.81 -1.14 30.53
CA SER B 58 3.29 -0.50 31.75
C SER B 58 1.88 0.08 31.60
N LEU B 59 1.34 0.07 30.38
CA LEU B 59 0.04 0.64 30.06
C LEU B 59 -1.11 -0.28 30.51
N PRO B 60 -1.88 0.14 31.53
CA PRO B 60 -2.97 -0.73 32.03
C PRO B 60 -3.84 -1.34 30.92
N GLY B 61 -4.02 -2.66 30.99
CA GLY B 61 -4.81 -3.40 30.01
C GLY B 61 -4.03 -4.05 28.87
N PHE B 62 -2.94 -3.41 28.45
CA PHE B 62 -2.28 -3.80 27.20
C PHE B 62 -1.63 -5.18 27.30
N ARG B 63 -0.89 -5.42 28.39
CA ARG B 63 -0.20 -6.71 28.62
C ARG B 63 -1.11 -7.95 28.62
N ASN B 64 -2.40 -7.74 28.82
CA ASN B 64 -3.35 -8.83 28.91
C ASN B 64 -4.03 -9.15 27.57
N LEU B 65 -3.63 -8.45 26.50
CA LEU B 65 -3.98 -8.89 25.15
C LEU B 65 -2.99 -9.98 24.75
N HIS B 66 -3.40 -10.83 23.80
CA HIS B 66 -2.49 -11.81 23.19
C HIS B 66 -1.20 -11.12 22.71
N ILE B 67 -0.07 -11.81 22.87
CA ILE B 67 1.24 -11.28 22.45
C ILE B 67 1.21 -10.79 20.97
N ASP B 68 0.49 -11.51 20.12
CA ASP B 68 0.32 -11.15 18.69
C ASP B 68 -0.41 -9.82 18.48
N ASP B 69 -1.49 -9.62 19.24
CA ASP B 69 -2.24 -8.37 19.18
C ASP B 69 -1.38 -7.19 19.60
N GLN B 70 -0.58 -7.39 20.64
CA GLN B 70 0.27 -6.33 21.16
C GLN B 70 1.29 -5.89 20.11
N ILE B 71 1.94 -6.85 19.49
CA ILE B 71 2.92 -6.60 18.40
C ILE B 71 2.25 -5.88 17.24
N THR B 72 1.11 -6.42 16.80
CA THR B 72 0.37 -5.87 15.69
C THR B 72 -0.07 -4.40 15.93
N LEU B 73 -0.59 -4.11 17.12
CA LEU B 73 -1.00 -2.74 17.46
C LEU B 73 0.19 -1.77 17.53
N ILE B 74 1.34 -2.24 18.00
CA ILE B 74 2.57 -1.43 17.97
C ILE B 74 3.03 -1.21 16.52
N GLN B 75 3.00 -2.28 15.72
CA GLN B 75 3.44 -2.18 14.32
C GLN B 75 2.51 -1.33 13.45
N TYR B 76 1.21 -1.37 13.74
CA TYR B 76 0.24 -0.50 13.08
C TYR B 76 0.40 0.97 13.48
N SER B 77 0.64 1.21 14.76
CA SER B 77 0.52 2.54 15.32
C SER B 77 1.83 3.32 15.46
N TRP B 78 2.97 2.73 15.13
CA TRP B 78 4.26 3.37 15.42
C TRP B 78 4.44 4.76 14.80
N MET B 79 4.09 4.97 13.52
CA MET B 79 4.24 6.28 12.89
C MET B 79 3.26 7.31 13.48
N SER B 80 2.02 6.89 13.73
CA SER B 80 1.02 7.75 14.36
C SER B 80 1.50 8.26 15.72
N LEU B 81 1.97 7.33 16.55
CA LEU B 81 2.47 7.67 17.88
C LEU B 81 3.72 8.56 17.86
N MET B 82 4.59 8.38 16.87
CA MET B 82 5.79 9.23 16.75
C MET B 82 5.44 10.67 16.39
N VAL B 83 4.58 10.87 15.39
CA VAL B 83 4.21 12.23 14.95
C VAL B 83 3.27 12.91 15.95
N PHE B 84 2.50 12.13 16.68
CA PHE B 84 1.65 12.68 17.75
C PHE B 84 2.54 13.21 18.87
N GLY B 85 3.53 12.41 19.24
CA GLY B 85 4.54 12.79 20.25
C GLY B 85 5.40 13.96 19.81
N LEU B 86 5.79 13.97 18.53
CA LEU B 86 6.50 15.10 17.93
C LEU B 86 5.71 16.39 18.07
N GLY B 87 4.41 16.30 17.77
CA GLY B 87 3.51 17.44 17.89
C GLY B 87 3.40 17.95 19.31
N TRP B 88 3.34 17.04 20.26
CA TRP B 88 3.25 17.42 21.68
C TRP B 88 4.51 18.11 22.22
N ARG B 89 5.69 17.55 21.93
CA ARG B 89 6.96 18.20 22.32
C ARG B 89 7.14 19.57 21.66
N SER B 90 6.69 19.68 20.41
CA SER B 90 6.79 20.93 19.66
C SER B 90 5.91 21.98 20.31
N TYR B 91 4.66 21.61 20.56
CA TYR B 91 3.71 22.43 21.32
C TYR B 91 4.26 22.85 22.71
N LYS B 92 4.82 21.90 23.45
CA LYS B 92 5.25 22.14 24.84
C LYS B 92 6.58 22.89 25.00
N HIS B 93 7.54 22.66 24.10
CA HIS B 93 8.89 23.20 24.26
C HIS B 93 9.20 24.45 23.42
N VAL B 94 8.60 24.57 22.24
CA VAL B 94 8.86 25.69 21.33
C VAL B 94 7.56 26.30 20.78
N SER B 95 6.50 26.28 21.60
CA SER B 95 5.24 26.97 21.30
C SER B 95 4.57 26.49 20.01
N GLY B 96 4.90 25.26 19.60
CA GLY B 96 4.41 24.69 18.36
C GLY B 96 5.06 25.23 17.10
N GLN B 97 6.07 26.08 17.22
CA GLN B 97 6.58 26.88 16.07
C GLN B 97 7.94 26.43 15.50
N MET B 98 8.42 25.28 15.99
CA MET B 98 9.49 24.53 15.35
C MET B 98 9.10 23.07 15.48
N LEU B 99 9.73 22.19 14.69
CA LEU B 99 9.56 20.74 14.88
C LEU B 99 10.62 20.21 15.85
N TYR B 100 10.15 19.81 17.03
CA TYR B 100 11.00 19.36 18.14
C TYR B 100 11.06 17.84 18.13
N PHE B 101 11.88 17.29 17.23
CA PHE B 101 12.04 15.85 17.08
C PHE B 101 12.71 15.28 18.32
N ALA B 102 13.74 15.98 18.77
CA ALA B 102 14.46 15.66 20.00
C ALA B 102 15.22 16.92 20.45
N PRO B 103 15.75 16.92 21.69
CA PRO B 103 16.51 18.09 22.14
C PRO B 103 17.66 18.47 21.17
N ASP B 104 18.27 17.47 20.53
CA ASP B 104 19.39 17.70 19.59
C ASP B 104 19.00 17.64 18.09
N LEU B 105 17.70 17.68 17.80
CA LEU B 105 17.21 17.73 16.43
C LEU B 105 15.93 18.56 16.40
N ILE B 106 16.11 19.88 16.27
CA ILE B 106 15.01 20.82 16.28
C ILE B 106 15.04 21.58 14.97
N LEU B 107 13.92 21.54 14.25
CA LEU B 107 13.84 22.18 12.93
C LEU B 107 12.88 23.37 12.94
N ASN B 108 13.43 24.58 12.94
CA ASN B 108 12.64 25.77 12.61
C ASN B 108 12.29 25.75 11.12
N GLU B 109 11.44 26.64 10.65
CA GLU B 109 10.93 26.57 9.28
C GLU B 109 12.00 26.73 8.19
N GLN B 110 13.01 27.56 8.46
CA GLN B 110 14.11 27.73 7.52
C GLN B 110 14.87 26.42 7.33
N ARG B 111 15.11 25.70 8.44
CA ARG B 111 15.75 24.38 8.39
C ARG B 111 14.85 23.33 7.73
N MET B 112 13.55 23.49 7.87
CA MET B 112 12.57 22.66 7.16
C MET B 112 12.65 22.94 5.66
N LYS B 113 12.64 24.22 5.30
CA LYS B 113 12.70 24.63 3.90
C LYS B 113 13.97 24.13 3.22
N GLU B 114 15.11 24.25 3.92
CA GLU B 114 16.39 23.82 3.39
C GLU B 114 16.56 22.30 3.33
N SER B 115 15.65 21.54 3.94
CA SER B 115 15.68 20.09 3.83
C SER B 115 15.09 19.66 2.49
N SER B 116 15.29 18.39 2.16
CA SER B 116 14.74 17.81 0.94
C SER B 116 13.29 17.40 1.11
N PHE B 117 12.73 17.56 2.31
CA PHE B 117 11.36 17.09 2.58
C PHE B 117 10.51 18.18 3.23
N TYR B 118 10.54 19.37 2.64
CA TYR B 118 9.85 20.53 3.19
C TYR B 118 8.34 20.29 3.29
N SER B 119 7.76 19.71 2.25
CA SER B 119 6.32 19.45 2.24
C SER B 119 5.90 18.48 3.36
N LEU B 120 6.73 17.48 3.64
CA LEU B 120 6.44 16.51 4.71
C LEU B 120 6.52 17.16 6.10
N CYS B 121 7.49 18.06 6.30
CA CYS B 121 7.60 18.85 7.52
C CYS B 121 6.35 19.69 7.80
N LEU B 122 5.82 20.32 6.74
CA LEU B 122 4.60 21.12 6.86
C LEU B 122 3.38 20.26 7.17
N THR B 123 3.35 19.02 6.67
CA THR B 123 2.30 18.06 7.02
C THR B 123 2.39 17.67 8.51
N MET B 124 3.58 17.34 8.98
CA MET B 124 3.81 17.02 10.39
C MET B 124 3.52 18.22 11.32
N TRP B 125 3.96 19.41 10.89
CA TRP B 125 3.76 20.67 11.62
C TRP B 125 2.29 21.05 11.85
N GLN B 126 1.37 20.49 11.07
CA GLN B 126 -0.07 20.70 11.27
C GLN B 126 -0.55 20.26 12.66
N ILE B 127 0.04 19.18 13.18
CA ILE B 127 -0.40 18.59 14.45
C ILE B 127 -0.18 19.54 15.62
N PRO B 128 1.08 20.02 15.84
CA PRO B 128 1.28 21.03 16.87
C PRO B 128 0.40 22.29 16.72
N GLN B 129 0.18 22.74 15.49
CA GLN B 129 -0.66 23.93 15.27
C GLN B 129 -2.10 23.66 15.69
N GLU B 130 -2.56 22.41 15.56
CA GLU B 130 -3.86 22.01 16.07
C GLU B 130 -3.87 21.97 17.59
N PHE B 131 -2.78 21.49 18.19
CA PHE B 131 -2.66 21.48 19.65
C PHE B 131 -2.71 22.91 20.21
N VAL B 132 -2.05 23.84 19.53
CA VAL B 132 -2.06 25.26 19.90
C VAL B 132 -3.47 25.84 19.80
N LYS B 133 -4.13 25.57 18.68
CA LYS B 133 -5.46 26.09 18.39
C LYS B 133 -6.51 25.63 19.40
N LEU B 134 -6.51 24.32 19.71
CA LEU B 134 -7.48 23.73 20.63
C LEU B 134 -7.06 23.87 22.09
N GLN B 135 -5.81 24.23 22.32
CA GLN B 135 -5.25 24.29 23.66
C GLN B 135 -5.35 22.93 24.38
N VAL B 136 -4.91 21.87 23.69
CA VAL B 136 -4.98 20.49 24.21
C VAL B 136 -4.21 20.32 25.51
N SER B 137 -4.86 19.75 26.52
CA SER B 137 -4.26 19.55 27.83
C SER B 137 -3.43 18.28 27.82
N GLN B 138 -2.52 18.18 28.79
CA GLN B 138 -1.70 16.99 28.95
C GLN B 138 -2.54 15.75 29.27
N GLU B 139 -3.61 15.94 30.04
CA GLU B 139 -4.53 14.87 30.37
C GLU B 139 -5.27 14.32 29.14
N GLU B 140 -5.71 15.21 28.25
CA GLU B 140 -6.34 14.78 27.00
C GLU B 140 -5.34 14.11 26.06
N PHE B 141 -4.14 14.68 25.93
CA PHE B 141 -3.07 14.12 25.10
C PHE B 141 -2.72 12.69 25.51
N LEU B 142 -2.64 12.44 26.82
CA LEU B 142 -2.25 11.14 27.34
C LEU B 142 -3.28 10.04 27.03
N CYS B 143 -4.57 10.37 27.14
CA CYS B 143 -5.66 9.48 26.76
C CYS B 143 -5.75 9.30 25.23
N MET B 144 -5.59 10.41 24.50
CA MET B 144 -5.63 10.39 23.05
C MET B 144 -4.52 9.55 22.44
N LYS B 145 -3.34 9.60 23.06
CA LYS B 145 -2.21 8.77 22.64
C LYS B 145 -2.42 7.25 22.82
N VAL B 146 -3.10 6.85 23.89
CA VAL B 146 -3.50 5.46 24.05
C VAL B 146 -4.53 5.05 22.99
N LEU B 147 -5.49 5.91 22.69
CA LEU B 147 -6.48 5.65 21.62
C LEU B 147 -5.84 5.48 20.23
N LEU B 148 -4.76 6.20 19.97
CA LEU B 148 -3.96 6.01 18.74
C LEU B 148 -3.33 4.62 18.65
N LEU B 149 -2.75 4.14 19.76
CA LEU B 149 -2.23 2.77 19.84
C LEU B 149 -3.32 1.74 19.48
N LEU B 150 -4.55 2.03 19.90
CA LEU B 150 -5.68 1.13 19.75
C LEU B 150 -6.61 1.49 18.58
N ASN B 151 -6.09 2.20 17.58
CA ASN B 151 -6.93 2.83 16.54
C ASN B 151 -7.00 2.14 15.17
N THR B 152 -6.32 1.01 15.04
CA THR B 152 -6.40 0.19 13.83
C THR B 152 -6.26 -1.26 14.25
N ILE B 153 -7.10 -2.13 13.70
CA ILE B 153 -7.04 -3.56 13.99
C ILE B 153 -7.00 -4.31 12.67
N PRO B 154 -6.65 -5.61 12.71
CA PRO B 154 -6.68 -6.36 11.46
C PRO B 154 -8.11 -6.50 10.94
N LEU B 155 -8.25 -6.70 9.64
CA LEU B 155 -9.56 -6.94 9.01
C LEU B 155 -10.32 -8.10 9.67
N GLU B 156 -9.58 -9.14 10.05
CA GLU B 156 -10.13 -10.32 10.69
C GLU B 156 -10.26 -10.17 12.22
N GLY B 157 -9.90 -9.00 12.75
CA GLY B 157 -9.98 -8.75 14.18
C GLY B 157 -8.74 -9.23 14.91
N LEU B 158 -8.71 -9.01 16.22
CA LEU B 158 -7.61 -9.43 17.07
C LEU B 158 -7.93 -10.79 17.72
N ARG B 159 -6.91 -11.45 18.25
CA ARG B 159 -7.09 -12.70 18.98
C ARG B 159 -7.84 -12.48 20.29
N SER B 160 -7.53 -11.37 20.97
CA SER B 160 -8.20 -10.96 22.20
C SER B 160 -9.16 -9.79 21.92
N GLN B 161 -10.05 -9.97 20.94
CA GLN B 161 -10.89 -8.86 20.46
C GLN B 161 -11.77 -8.26 21.56
N THR B 162 -12.30 -9.11 22.43
CA THR B 162 -13.18 -8.68 23.51
C THR B 162 -12.44 -7.81 24.52
N GLN B 163 -11.25 -8.26 24.93
CA GLN B 163 -10.42 -7.53 25.87
C GLN B 163 -9.89 -6.22 25.27
N PHE B 164 -9.59 -6.23 23.97
CA PHE B 164 -9.25 -5.01 23.23
C PHE B 164 -10.40 -4.01 23.26
N GLU B 165 -11.58 -4.48 22.86
CA GLU B 165 -12.78 -3.66 22.84
C GLU B 165 -12.99 -3.00 24.21
N GLU B 166 -12.87 -3.80 25.27
CA GLU B 166 -13.02 -3.29 26.63
C GLU B 166 -11.90 -2.32 27.05
N MET B 167 -10.66 -2.60 26.64
CA MET B 167 -9.55 -1.68 26.94
C MET B 167 -9.76 -0.31 26.27
N ARG B 168 -10.05 -0.32 24.97
CA ARG B 168 -10.29 0.89 24.19
C ARG B 168 -11.44 1.73 24.76
N SER B 169 -12.57 1.08 25.05
CA SER B 169 -13.74 1.72 25.63
C SER B 169 -13.45 2.46 26.94
N SER B 170 -12.57 1.87 27.78
CA SER B 170 -12.15 2.48 29.06
C SER B 170 -11.35 3.77 28.88
N TYR B 171 -10.49 3.82 27.87
CA TYR B 171 -9.71 5.02 27.60
C TYR B 171 -10.51 6.10 26.89
N ILE B 172 -11.54 5.69 26.14
CA ILE B 172 -12.51 6.62 25.61
C ILE B 172 -13.27 7.27 26.77
N ARG B 173 -13.68 6.45 27.74
CA ARG B 173 -14.32 6.98 28.95
C ARG B 173 -13.35 7.86 29.73
N GLU B 174 -12.07 7.55 29.67
CA GLU B 174 -11.05 8.31 30.39
C GLU B 174 -10.74 9.64 29.68
N LEU B 175 -10.81 9.65 28.35
CA LEU B 175 -10.70 10.87 27.57
C LEU B 175 -11.88 11.80 27.89
N ILE B 176 -13.07 11.21 28.00
CA ILE B 176 -14.28 11.95 28.43
C ILE B 176 -14.09 12.62 29.80
N LYS B 177 -13.46 11.92 30.75
CA LYS B 177 -13.12 12.49 32.06
C LYS B 177 -12.04 13.57 32.00
N ALA B 178 -11.02 13.37 31.16
CA ALA B 178 -9.96 14.37 30.97
C ALA B 178 -10.54 15.68 30.44
N ILE B 179 -11.49 15.56 29.53
CA ILE B 179 -12.25 16.69 28.99
C ILE B 179 -13.05 17.42 30.08
N GLY B 180 -13.72 16.66 30.94
CA GLY B 180 -14.48 17.21 32.05
C GLY B 180 -13.69 18.05 33.05
N LEU B 181 -12.38 17.79 33.16
CA LEU B 181 -11.51 18.57 34.07
C LEU B 181 -11.57 20.09 33.83
N ARG B 182 -11.75 20.47 32.58
CA ARG B 182 -11.73 21.88 32.18
C ARG B 182 -13.05 22.30 31.57
N GLN B 183 -13.50 21.55 30.57
CA GLN B 183 -14.80 21.77 29.94
C GLN B 183 -15.95 21.38 30.87
N LYS B 184 -16.68 22.40 31.34
CA LYS B 184 -17.88 22.20 32.15
C LYS B 184 -19.11 22.40 31.27
N GLY B 185 -20.18 21.66 31.57
CA GLY B 185 -21.42 21.78 30.82
C GLY B 185 -21.49 20.83 29.64
N VAL B 186 -22.66 20.23 29.43
CA VAL B 186 -22.87 19.24 28.38
C VAL B 186 -22.51 19.77 27.00
N VAL B 187 -22.92 21.01 26.72
CA VAL B 187 -22.71 21.63 25.40
C VAL B 187 -21.24 21.65 24.99
N SER B 188 -20.40 22.19 25.87
CA SER B 188 -18.98 22.38 25.61
C SER B 188 -18.20 21.07 25.65
N SER B 189 -18.47 20.25 26.66
CA SER B 189 -17.72 19.03 26.87
C SER B 189 -17.97 17.96 25.78
N SER B 190 -19.20 17.89 25.25
CA SER B 190 -19.51 16.92 24.19
C SER B 190 -19.01 17.41 22.81
N GLN B 191 -19.03 18.72 22.60
CA GLN B 191 -18.40 19.33 21.42
C GLN B 191 -16.88 19.07 21.42
N ARG B 192 -16.27 19.23 22.58
CA ARG B 192 -14.85 18.96 22.82
C ARG B 192 -14.49 17.51 22.50
N PHE B 193 -15.35 16.58 22.92
CA PHE B 193 -15.21 15.18 22.57
C PHE B 193 -15.22 15.01 21.06
N TYR B 194 -16.15 15.71 20.39
CA TYR B 194 -16.25 15.66 18.93
C TYR B 194 -14.95 16.16 18.26
N GLN B 195 -14.43 17.29 18.73
CA GLN B 195 -13.23 17.91 18.19
C GLN B 195 -11.99 17.01 18.32
N LEU B 196 -11.79 16.47 19.52
CA LEU B 196 -10.60 15.67 19.80
C LEU B 196 -10.64 14.31 19.10
N THR B 197 -11.81 13.70 19.04
CA THR B 197 -11.95 12.43 18.33
C THR B 197 -11.94 12.62 16.80
N LYS B 198 -12.37 13.79 16.34
CA LYS B 198 -12.25 14.14 14.92
C LYS B 198 -10.77 14.34 14.56
N LEU B 199 -10.01 14.97 15.43
CA LEU B 199 -8.57 15.12 15.24
C LEU B 199 -7.89 13.77 15.05
N LEU B 200 -8.22 12.80 15.91
CA LEU B 200 -7.68 11.44 15.80
C LEU B 200 -8.10 10.71 14.52
N ASP B 201 -9.37 10.87 14.10
CA ASP B 201 -9.84 10.34 12.82
C ASP B 201 -9.03 10.90 11.65
N ASN B 202 -8.76 12.20 11.69
CA ASN B 202 -8.03 12.90 10.62
C ASN B 202 -6.58 12.44 10.49
N LEU B 203 -5.99 11.97 11.59
CA LEU B 203 -4.61 11.47 11.59
C LEU B 203 -4.43 10.28 10.65
N HIS B 204 -5.49 9.49 10.46
CA HIS B 204 -5.45 8.40 9.50
C HIS B 204 -5.03 8.91 8.12
N ASP B 205 -5.62 10.03 7.70
CA ASP B 205 -5.31 10.61 6.40
C ASP B 205 -3.90 11.20 6.37
N LEU B 206 -3.53 11.88 7.44
CA LEU B 206 -2.22 12.53 7.53
C LEU B 206 -1.07 11.51 7.48
N VAL B 207 -1.21 10.45 8.27
CA VAL B 207 -0.22 9.39 8.38
C VAL B 207 -0.06 8.55 7.10
N LYS B 208 -1.12 8.47 6.30
CA LYS B 208 -1.04 7.76 5.02
C LYS B 208 0.04 8.34 4.10
N GLN B 209 0.21 9.66 4.15
CA GLN B 209 1.24 10.36 3.37
C GLN B 209 2.64 10.06 3.90
N LEU B 210 2.76 10.01 5.23
CA LEU B 210 4.01 9.71 5.90
C LEU B 210 4.44 8.26 5.64
N HIS B 211 3.49 7.32 5.70
CA HIS B 211 3.75 5.91 5.39
C HIS B 211 4.31 5.69 3.97
N LEU B 212 3.72 6.36 2.98
CA LEU B 212 4.17 6.23 1.59
C LEU B 212 5.61 6.75 1.41
N TYR B 213 5.89 7.93 1.96
CA TYR B 213 7.25 8.49 1.93
C TYR B 213 8.22 7.55 2.65
N CYS B 214 7.79 7.04 3.80
CA CYS B 214 8.61 6.16 4.61
C CYS B 214 8.96 4.86 3.88
N LEU B 215 7.95 4.26 3.25
CA LEU B 215 8.15 3.02 2.51
C LEU B 215 9.03 3.24 1.27
N ASN B 216 8.79 4.31 0.53
CA ASN B 216 9.64 4.67 -0.61
C ASN B 216 11.10 4.86 -0.19
N THR B 217 11.30 5.64 0.87
CA THR B 217 12.62 5.85 1.46
C THR B 217 13.28 4.52 1.81
N PHE B 218 12.51 3.61 2.42
CA PHE B 218 13.02 2.30 2.84
C PHE B 218 13.51 1.47 1.66
N ILE B 219 12.68 1.37 0.63
CA ILE B 219 13.01 0.66 -0.61
C ILE B 219 14.25 1.24 -1.28
N GLN B 220 14.34 2.57 -1.30
CA GLN B 220 15.45 3.28 -1.94
C GLN B 220 16.62 3.54 -0.97
N SER B 221 16.66 2.84 0.16
CA SER B 221 17.59 3.15 1.25
C SER B 221 19.08 3.16 0.87
N ARG B 222 19.50 2.18 0.07
CA ARG B 222 20.91 2.09 -0.32
C ARG B 222 21.33 3.23 -1.25
N ALA B 223 20.51 3.53 -2.25
CA ALA B 223 20.77 4.64 -3.17
C ALA B 223 20.79 6.02 -2.48
N LEU B 224 20.07 6.15 -1.36
CA LEU B 224 19.96 7.40 -0.61
C LEU B 224 20.93 7.53 0.57
N SER B 225 21.70 6.48 0.82
CA SER B 225 22.60 6.40 1.99
C SER B 225 21.85 6.66 3.31
N VAL B 226 20.63 6.14 3.40
CA VAL B 226 19.80 6.24 4.60
C VAL B 226 19.72 4.87 5.25
N GLU B 227 20.36 4.72 6.41
CA GLU B 227 20.33 3.46 7.16
C GLU B 227 19.05 3.34 7.98
N PHE B 228 18.42 2.17 7.90
CA PHE B 228 17.25 1.87 8.70
C PHE B 228 17.63 0.85 9.76
N PRO B 229 17.64 1.26 11.05
CA PRO B 229 17.93 0.32 12.12
C PRO B 229 16.99 -0.90 12.19
N GLU B 230 17.31 -1.82 13.09
CA GLU B 230 16.74 -3.17 13.11
C GLU B 230 15.24 -3.25 13.37
N MET B 231 14.80 -2.74 14.52
N MET B 231 14.80 -2.72 14.51
CA MET B 231 13.40 -2.83 14.94
CA MET B 231 13.40 -2.86 14.89
C MET B 231 12.48 -2.01 14.02
C MET B 231 12.47 -1.99 14.03
N MET B 232 12.97 -0.85 13.58
CA MET B 232 12.22 -0.01 12.64
C MET B 232 12.09 -0.72 11.27
N SER B 233 13.13 -1.42 10.85
CA SER B 233 13.10 -2.19 9.61
C SER B 233 12.04 -3.30 9.64
N GLU B 234 11.94 -4.04 10.74
CA GLU B 234 10.95 -5.12 10.82
C GLU B 234 9.48 -4.63 10.85
N VAL B 235 9.22 -3.49 11.50
CA VAL B 235 7.85 -2.93 11.52
C VAL B 235 7.43 -2.44 10.13
N ILE B 236 8.37 -1.86 9.38
CA ILE B 236 8.11 -1.42 8.02
C ILE B 236 7.86 -2.62 7.12
N ALA B 237 8.78 -3.58 7.16
CA ALA B 237 8.67 -4.81 6.36
C ALA B 237 7.44 -5.65 6.73
N ALA B 238 7.11 -5.71 8.02
CA ALA B 238 5.97 -6.50 8.49
C ALA B 238 4.62 -5.98 7.99
N GLN B 239 4.38 -4.68 8.12
CA GLN B 239 3.02 -4.15 7.97
C GLN B 239 2.79 -3.05 6.95
N LEU B 240 3.83 -2.30 6.59
CA LEU B 240 3.61 -1.01 5.93
C LEU B 240 2.93 -1.08 4.54
N PRO B 241 3.33 -2.03 3.68
CA PRO B 241 2.60 -2.23 2.43
C PRO B 241 1.14 -2.70 2.60
N LYS B 242 0.90 -3.58 3.57
CA LYS B 242 -0.45 -4.04 3.91
C LYS B 242 -1.31 -2.86 4.37
N ILE B 243 -0.73 -2.03 5.22
CA ILE B 243 -1.42 -0.85 5.75
C ILE B 243 -1.75 0.10 4.60
N LEU B 244 -0.74 0.40 3.79
CA LEU B 244 -0.90 1.31 2.64
C LEU B 244 -1.94 0.81 1.65
N ALA B 245 -2.02 -0.52 1.47
CA ALA B 245 -3.01 -1.14 0.59
C ALA B 245 -4.42 -1.14 1.16
N GLY B 246 -4.59 -0.58 2.37
CA GLY B 246 -5.90 -0.57 3.02
C GLY B 246 -6.36 -1.94 3.48
N MET B 247 -5.41 -2.86 3.71
CA MET B 247 -5.76 -4.22 4.14
C MET B 247 -5.64 -4.37 5.66
N VAL B 248 -6.01 -3.30 6.37
CA VAL B 248 -6.27 -3.29 7.79
C VAL B 248 -7.58 -2.53 8.00
N LYS B 249 -8.04 -2.46 9.25
CA LYS B 249 -9.29 -1.76 9.55
C LYS B 249 -9.04 -0.54 10.46
N PRO B 250 -8.98 0.67 9.87
CA PRO B 250 -8.84 1.86 10.71
C PRO B 250 -10.13 2.12 11.48
N LEU B 251 -10.02 2.35 12.79
CA LEU B 251 -11.21 2.63 13.58
C LEU B 251 -11.51 4.12 13.54
N LEU B 252 -12.78 4.45 13.36
CA LEU B 252 -13.23 5.84 13.31
C LEU B 252 -14.19 6.12 14.46
N PHE B 253 -14.15 7.35 14.94
CA PHE B 253 -15.12 7.82 15.93
C PHE B 253 -16.35 8.41 15.23
N HIS B 254 -16.11 9.07 14.08
CA HIS B 254 -17.18 9.68 13.27
C HIS B 254 -17.37 8.93 11.95
N LYS B 255 -18.61 8.82 11.50
CA LYS B 255 -18.93 8.19 10.21
C LYS B 255 -18.37 9.01 9.04
#